data_1C1W
#
_entry.id   1C1W
#
_cell.length_a   71.22
_cell.length_b   71.88
_cell.length_c   72.650
_cell.angle_alpha   90.00
_cell.angle_beta   100.69
_cell.angle_gamma   90.00
#
_symmetry.space_group_name_H-M   'C 1 2 1'
#
loop_
_entity.id
_entity.type
_entity.pdbx_description
1 polymer 'Thrombin light chain'
2 polymer 'Thrombin heavy chain'
3 polymer Hirudin-2
4 non-polymer 'ZINC ION'
5 non-polymer 'SODIUM ION'
6 non-polymer 'BIS(5-AMIDINO-2-BENZIMIDAZOLYL)METHANE KETONE HYDRATE'
7 water water
#
loop_
_entity_poly.entity_id
_entity_poly.type
_entity_poly.pdbx_seq_one_letter_code
_entity_poly.pdbx_strand_id
1 'polypeptide(L)' TFGSGEADCGLRPLFEKKSLEDKTERELLESYIDGR L
2 'polypeptide(L)'
;IVEGSDAEIGMSPWQVMLFRKSPQELLCGASLISDRWVLTAAHCLLYPPWDKNFTENDLLVRIGKHSRTRYERNIEKISM
LEKIYIHPRYNWRENLDRDIALMKLKKPVAFSDYIHPVCLPDRETAASLLQAGYKGRVTGWGNLKETWTANVGKGQPSVL
QVVNLPIVERPVCKDSTRIRITDNMFCAGYKPDEGKRGDACEGDSGGPFVMKSPFNNRWYQMGIVSWGEGCDRDGKYGFY
THVFRLKKWIQKVIDQFGE
;
H
3 'polypeptide(L)' DFEEIPEE(TYS)LQ I
#
# COMPACT_ATOMS: atom_id res chain seq x y z
N THR A 1 -0.58 -5.08 -13.25
CA THR A 1 -1.44 -6.27 -13.34
C THR A 1 -0.50 -7.46 -13.17
N PHE A 2 0.49 -7.59 -14.00
CA PHE A 2 1.43 -8.74 -13.88
C PHE A 2 2.84 -8.17 -13.80
N GLY A 3 3.76 -8.95 -14.29
CA GLY A 3 5.20 -8.59 -14.32
C GLY A 3 5.41 -7.15 -14.68
N SER A 4 6.37 -6.59 -14.02
CA SER A 4 6.75 -5.17 -14.21
C SER A 4 5.50 -4.27 -14.35
N GLY A 5 4.44 -4.72 -13.76
CA GLY A 5 3.17 -3.98 -13.77
C GLY A 5 2.03 -4.16 -14.75
N GLU A 6 1.86 -3.14 -15.55
CA GLU A 6 0.77 -3.14 -16.56
C GLU A 6 1.12 -2.64 -17.95
N ALA A 7 2.15 -1.87 -18.08
CA ALA A 7 2.65 -1.26 -19.38
C ALA A 7 2.85 0.16 -18.95
N ASP A 8 1.74 0.78 -18.74
CA ASP A 8 1.76 2.19 -18.31
C ASP A 8 1.50 2.07 -16.84
N CYS A 9 2.53 1.80 -16.09
CA CYS A 9 2.34 1.69 -14.64
C CYS A 9 3.54 2.36 -14.02
N GLY A 10 3.45 2.75 -12.79
CA GLY A 10 4.65 3.39 -12.17
C GLY A 10 5.17 4.70 -12.68
N LEU A 11 4.57 5.30 -13.68
CA LEU A 11 5.06 6.64 -14.22
C LEU A 11 3.92 7.59 -13.88
N ARG A 12 4.16 8.49 -12.96
CA ARG A 12 3.10 9.48 -12.53
C ARG A 12 2.93 10.66 -13.48
N PRO A 13 1.70 10.87 -13.90
CA PRO A 13 1.34 12.02 -14.75
C PRO A 13 1.91 13.36 -14.36
N LEU A 14 2.02 13.66 -13.23
CA LEU A 14 2.58 14.96 -12.74
C LEU A 14 4.01 15.00 -12.38
N PHE A 15 4.52 13.88 -12.33
CA PHE A 15 5.97 13.91 -11.99
C PHE A 15 6.74 13.32 -13.16
N GLU A 16 7.01 12.03 -13.16
CA GLU A 16 7.77 11.30 -14.25
C GLU A 16 7.38 11.75 -15.64
N LYS A 17 6.11 11.62 -15.93
CA LYS A 17 5.59 12.03 -17.26
C LYS A 17 5.96 13.50 -17.62
N LYS A 18 6.26 14.35 -16.66
CA LYS A 18 6.62 15.77 -16.99
C LYS A 18 8.03 16.02 -16.60
N SER A 19 8.69 14.98 -16.19
CA SER A 19 10.10 15.04 -15.76
C SER A 19 10.19 15.94 -14.48
N LEU A 20 9.22 15.80 -13.61
CA LEU A 20 9.27 16.61 -12.36
C LEU A 20 9.45 15.56 -11.25
N GLU A 21 10.15 15.95 -10.23
CA GLU A 21 10.41 15.04 -9.09
C GLU A 21 9.57 15.50 -7.87
N ASP A 22 9.32 14.63 -6.91
CA ASP A 22 8.53 15.08 -5.74
C ASP A 22 9.65 15.44 -4.75
N LYS A 23 9.37 16.17 -3.70
CA LYS A 23 10.50 16.54 -2.78
C LYS A 23 11.32 15.47 -2.04
N THR A 24 10.86 14.25 -1.90
CA THR A 24 11.72 13.23 -1.18
C THR A 24 12.16 12.01 -2.01
N GLU A 25 11.85 11.95 -3.30
CA GLU A 25 12.30 10.74 -4.03
C GLU A 25 13.81 10.68 -4.05
N ARG A 26 14.45 11.80 -3.96
CA ARG A 26 15.95 11.82 -3.95
C ARG A 26 16.46 10.81 -2.88
N GLU A 27 15.95 10.95 -1.67
CA GLU A 27 16.33 10.07 -0.51
C GLU A 27 16.36 8.60 -0.96
N LEU A 28 15.24 8.15 -1.47
CA LEU A 28 15.11 6.76 -1.96
C LEU A 28 16.22 6.37 -2.89
N LEU A 29 16.33 7.09 -3.98
CA LEU A 29 17.40 6.77 -4.97
C LEU A 29 18.74 6.90 -4.36
N GLU A 30 18.87 7.82 -3.47
CA GLU A 30 20.21 7.96 -2.83
C GLU A 30 20.51 6.73 -1.95
N SER A 31 19.49 6.06 -1.45
CA SER A 31 19.77 4.88 -0.57
C SER A 31 20.17 3.64 -1.33
N TYR A 32 19.97 3.62 -2.62
CA TYR A 32 20.36 2.40 -3.41
C TYR A 32 21.74 2.84 -3.81
N ILE A 33 22.55 3.12 -2.82
CA ILE A 33 23.96 3.58 -3.01
C ILE A 33 24.17 4.67 -4.11
N ASP A 34 23.11 5.40 -4.34
CA ASP A 34 22.99 6.53 -5.33
C ASP A 34 22.52 6.07 -6.71
N GLY A 35 21.73 6.89 -7.37
CA GLY A 35 21.23 6.50 -8.73
C GLY A 35 21.29 7.61 -9.78
N ARG A 36 22.02 7.33 -10.83
CA ARG A 36 22.30 8.15 -12.05
C ARG A 36 23.83 8.38 -12.12
N ILE B 1 0.13 7.18 9.56
CA ILE B 1 1.58 7.20 9.33
C ILE B 1 2.01 8.09 10.47
N VAL B 2 3.12 7.74 11.06
CA VAL B 2 3.70 8.49 12.22
C VAL B 2 5.00 9.05 11.70
N GLU B 3 5.22 10.28 12.04
CA GLU B 3 6.45 11.05 11.65
C GLU B 3 6.68 11.10 10.13
N GLY B 4 5.59 11.22 9.43
CA GLY B 4 5.60 11.30 7.96
C GLY B 4 4.97 12.65 7.62
N SER B 5 5.19 13.16 6.45
CA SER B 5 4.61 14.47 6.05
C SER B 5 3.42 14.32 5.13
N ASP B 6 2.82 15.43 4.77
CA ASP B 6 1.63 15.33 3.87
C ASP B 6 2.18 15.03 2.50
N ALA B 7 1.40 14.34 1.73
CA ALA B 7 1.83 13.98 0.37
C ALA B 7 1.57 15.18 -0.55
N GLU B 8 2.07 15.08 -1.75
CA GLU B 8 1.86 16.21 -2.72
C GLU B 8 0.73 15.71 -3.58
N ILE B 9 0.10 16.58 -4.28
CA ILE B 9 -1.02 16.13 -5.13
C ILE B 9 -0.35 15.21 -6.19
N GLY B 10 -1.10 14.21 -6.56
CA GLY B 10 -0.67 13.17 -7.56
C GLY B 10 0.73 12.57 -7.25
N MET B 11 1.01 12.33 -6.01
CA MET B 11 2.34 11.76 -5.61
C MET B 11 2.25 10.23 -5.55
N SER B 12 1.09 9.78 -5.19
CA SER B 12 0.81 8.32 -5.07
C SER B 12 -0.50 8.03 -5.82
N PRO B 13 -0.51 8.20 -7.12
CA PRO B 13 -1.78 8.12 -7.87
C PRO B 13 -2.46 6.78 -7.74
N TRP B 14 -1.68 5.83 -7.30
CA TRP B 14 -2.21 4.43 -7.12
C TRP B 14 -2.77 4.17 -5.69
N GLN B 15 -2.69 5.13 -4.82
CA GLN B 15 -3.21 4.92 -3.46
C GLN B 15 -4.73 4.85 -3.54
N VAL B 16 -5.29 3.84 -2.97
CA VAL B 16 -6.76 3.63 -2.98
C VAL B 16 -7.24 3.67 -1.51
N MET B 17 -8.52 3.85 -1.33
CA MET B 17 -9.11 3.92 0.03
C MET B 17 -10.23 2.93 0.07
N LEU B 18 -10.25 2.05 1.05
CA LEU B 18 -11.38 1.07 1.13
C LEU B 18 -12.21 1.90 2.12
N PHE B 19 -13.45 2.03 1.81
CA PHE B 19 -14.41 2.83 2.62
C PHE B 19 -15.61 1.96 2.99
N ARG B 20 -16.04 2.10 4.19
CA ARG B 20 -17.20 1.27 4.60
C ARG B 20 -18.43 2.09 4.29
N LYS B 21 -19.43 1.42 3.83
CA LYS B 21 -20.67 2.14 3.49
C LYS B 21 -21.37 2.61 4.76
N SER B 22 -21.69 1.71 5.64
CA SER B 22 -22.39 2.09 6.89
C SER B 22 -21.63 1.40 8.05
N PRO B 23 -21.23 2.12 9.06
CA PRO B 23 -21.00 3.59 9.03
C PRO B 23 -20.03 3.97 7.89
N GLN B 24 -20.01 5.21 7.56
CA GLN B 24 -19.10 5.63 6.48
C GLN B 24 -17.79 5.91 7.17
N GLU B 25 -16.89 4.97 7.08
CA GLU B 25 -15.53 5.14 7.72
C GLU B 25 -14.41 4.50 6.85
N LEU B 26 -13.24 5.05 7.04
CA LEU B 26 -12.01 4.60 6.34
C LEU B 26 -11.77 3.24 6.91
N LEU B 27 -11.46 2.28 6.09
CA LEU B 27 -11.22 0.91 6.59
C LEU B 27 -9.75 0.61 6.48
N CYS B 28 -9.24 0.75 5.29
CA CYS B 28 -7.79 0.50 5.00
C CYS B 28 -7.36 1.26 3.76
N GLY B 29 -6.13 1.00 3.44
CA GLY B 29 -5.41 1.57 2.29
C GLY B 29 -5.41 0.38 1.27
N ALA B 30 -5.06 0.63 0.05
CA ALA B 30 -5.03 -0.43 -1.00
C ALA B 30 -4.30 0.25 -2.15
N SER B 31 -4.05 -0.45 -3.22
CA SER B 31 -3.34 0.16 -4.39
C SER B 31 -4.06 -0.34 -5.65
N LEU B 32 -3.92 0.44 -6.69
CA LEU B 32 -4.53 0.17 -8.01
C LEU B 32 -3.40 -0.50 -8.82
N ILE B 33 -3.60 -1.72 -9.27
CA ILE B 33 -2.53 -2.39 -10.06
C ILE B 33 -2.89 -2.44 -11.58
N SER B 34 -4.13 -2.29 -11.95
CA SER B 34 -4.58 -2.31 -13.37
C SER B 34 -5.83 -1.40 -13.34
N ASP B 35 -6.72 -1.48 -14.29
CA ASP B 35 -7.89 -0.56 -14.20
C ASP B 35 -9.04 -1.27 -13.52
N ARG B 36 -8.92 -2.55 -13.29
CA ARG B 36 -10.07 -3.28 -12.60
C ARG B 36 -9.59 -3.96 -11.33
N TRP B 37 -8.32 -3.97 -11.05
CA TRP B 37 -7.84 -4.66 -9.83
C TRP B 37 -7.20 -3.78 -8.81
N VAL B 38 -7.55 -4.09 -7.59
CA VAL B 38 -7.01 -3.34 -6.42
C VAL B 38 -6.38 -4.47 -5.57
N LEU B 39 -5.25 -4.16 -5.00
CA LEU B 39 -4.50 -5.09 -4.15
C LEU B 39 -4.47 -4.54 -2.70
N THR B 40 -4.85 -5.34 -1.74
CA THR B 40 -4.81 -4.80 -0.34
C THR B 40 -4.33 -5.95 0.56
N ALA B 41 -4.47 -5.74 1.83
CA ALA B 41 -4.05 -6.75 2.84
C ALA B 41 -5.33 -7.53 3.20
N ALA B 42 -5.18 -8.84 3.26
CA ALA B 42 -6.36 -9.72 3.61
C ALA B 42 -6.99 -9.46 4.98
N HIS B 43 -6.19 -9.09 5.93
CA HIS B 43 -6.85 -8.88 7.22
C HIS B 43 -7.66 -7.61 7.31
N CYS B 44 -7.66 -6.85 6.25
CA CYS B 44 -8.44 -5.62 6.26
C CYS B 44 -9.85 -6.09 5.95
N LEU B 45 -9.94 -7.28 5.46
CA LEU B 45 -11.24 -7.87 5.08
C LEU B 45 -11.71 -9.00 5.91
N LEU B 46 -10.80 -9.87 6.27
CA LEU B 46 -11.16 -11.06 7.09
C LEU B 46 -10.26 -11.25 8.30
N TYR B 47 -10.80 -11.13 9.48
CA TYR B 47 -9.99 -11.29 10.72
C TYR B 47 -10.97 -11.75 11.80
N PRO B 48 -11.24 -13.03 11.80
CA PRO B 48 -12.14 -13.74 12.78
C PRO B 48 -11.97 -13.39 14.27
N PRO B 49 -10.77 -13.27 14.74
CA PRO B 49 -10.51 -12.77 16.10
C PRO B 49 -11.35 -11.55 16.46
N TRP B 50 -11.61 -10.69 15.51
CA TRP B 50 -12.44 -9.48 15.82
C TRP B 50 -13.69 -9.47 15.02
N ASP B 51 -14.17 -10.62 14.68
CA ASP B 51 -15.42 -10.71 13.86
C ASP B 51 -15.40 -9.84 12.60
N LYS B 52 -14.29 -9.76 11.94
CA LYS B 52 -14.25 -8.92 10.70
C LYS B 52 -14.33 -9.85 9.49
N ASN B 53 -15.31 -9.68 8.66
CA ASN B 53 -15.45 -10.55 7.47
C ASN B 53 -16.26 -9.65 6.57
N PHE B 54 -15.58 -8.91 5.72
CA PHE B 54 -16.30 -8.00 4.80
C PHE B 54 -16.52 -8.71 3.51
N THR B 55 -17.57 -8.24 2.91
CA THR B 55 -18.03 -8.76 1.61
C THR B 55 -18.15 -7.58 0.67
N GLU B 56 -18.20 -7.93 -0.59
CA GLU B 56 -18.32 -7.00 -1.75
C GLU B 56 -19.17 -5.78 -1.38
N ASN B 57 -20.38 -6.12 -1.05
CA ASN B 57 -21.44 -5.15 -0.67
C ASN B 57 -21.17 -4.26 0.48
N ASP B 58 -20.18 -4.58 1.25
CA ASP B 58 -19.91 -3.69 2.43
C ASP B 58 -18.88 -2.67 2.17
N LEU B 59 -18.18 -2.77 1.07
CA LEU B 59 -17.10 -1.76 0.76
C LEU B 59 -17.28 -0.93 -0.52
N LEU B 60 -16.61 -0.01 -0.52
CA LEU B 60 -16.50 0.97 -1.63
C LEU B 60 -14.97 1.22 -1.72
N VAL B 61 -14.66 1.62 -2.98
CA VAL B 61 -13.22 1.89 -3.19
C VAL B 61 -13.16 3.34 -3.69
N ARG B 62 -12.31 4.13 -3.13
CA ARG B 62 -12.21 5.53 -3.56
C ARG B 62 -10.77 5.76 -4.01
N ILE B 63 -10.66 6.14 -5.25
CA ILE B 63 -9.36 6.42 -5.94
C ILE B 63 -9.28 7.89 -6.40
N GLY B 64 -8.11 8.44 -6.30
CA GLY B 64 -7.86 9.84 -6.72
C GLY B 64 -7.81 10.78 -5.52
N LYS B 65 -7.93 10.26 -4.33
CA LYS B 65 -7.91 11.18 -3.17
C LYS B 65 -6.60 11.67 -2.68
N HIS B 66 -6.78 12.70 -1.88
CA HIS B 66 -5.69 13.44 -1.20
C HIS B 66 -6.24 13.66 0.22
N SER B 67 -7.35 14.34 0.25
CA SER B 67 -8.06 14.66 1.54
C SER B 67 -8.63 13.33 2.03
N ARG B 68 -8.78 13.21 3.31
CA ARG B 68 -9.30 11.98 3.90
C ARG B 68 -10.81 12.03 4.03
N THR B 69 -11.30 13.10 4.54
CA THR B 69 -12.78 13.21 4.74
C THR B 69 -13.62 13.86 3.72
N ARG B 70 -13.06 14.44 2.71
CA ARG B 70 -13.98 15.10 1.75
C ARG B 70 -14.15 14.34 0.49
N TYR B 71 -15.32 14.48 -0.05
CA TYR B 71 -15.64 13.79 -1.32
C TYR B 71 -15.07 14.83 -2.29
N GLU B 72 -13.93 14.55 -2.86
CA GLU B 72 -13.26 15.49 -3.82
C GLU B 72 -13.92 15.28 -5.21
N ARG B 73 -14.97 16.03 -5.34
CA ARG B 73 -15.84 16.08 -6.55
C ARG B 73 -15.00 16.33 -7.79
N ASN B 74 -15.25 15.55 -8.81
CA ASN B 74 -14.52 15.66 -10.11
C ASN B 74 -13.04 15.27 -10.01
N ILE B 75 -12.60 14.80 -8.87
CA ILE B 75 -11.16 14.39 -8.73
C ILE B 75 -11.13 12.93 -8.33
N GLU B 76 -12.01 12.47 -7.50
CA GLU B 76 -11.92 11.04 -7.12
C GLU B 76 -13.02 10.26 -7.78
N LYS B 77 -12.83 8.97 -7.91
CA LYS B 77 -13.83 8.07 -8.52
C LYS B 77 -14.05 7.05 -7.42
N ILE B 78 -15.29 6.66 -7.32
CA ILE B 78 -15.76 5.69 -6.31
C ILE B 78 -16.24 4.47 -7.06
N SER B 79 -15.67 3.32 -6.82
CA SER B 79 -16.09 2.07 -7.54
C SER B 79 -16.64 1.03 -6.54
N MET B 80 -17.32 0.10 -7.10
CA MET B 80 -17.92 -0.97 -6.27
C MET B 80 -17.11 -2.20 -6.60
N LEU B 81 -17.28 -3.21 -5.82
CA LEU B 81 -16.51 -4.47 -6.03
C LEU B 81 -17.38 -5.46 -6.70
N GLU B 82 -16.75 -6.29 -7.46
CA GLU B 82 -17.45 -7.36 -8.20
C GLU B 82 -17.05 -8.65 -7.42
N LYS B 83 -15.78 -8.77 -7.07
CA LYS B 83 -15.32 -9.97 -6.31
C LYS B 83 -14.09 -9.64 -5.46
N ILE B 84 -13.97 -10.33 -4.36
CA ILE B 84 -12.84 -10.19 -3.38
C ILE B 84 -12.25 -11.59 -3.40
N TYR B 85 -10.96 -11.69 -3.44
CA TYR B 85 -10.31 -13.01 -3.44
C TYR B 85 -9.22 -12.87 -2.38
N ILE B 86 -9.21 -13.77 -1.43
CA ILE B 86 -8.20 -13.76 -0.33
C ILE B 86 -7.27 -14.93 -0.70
N HIS B 87 -6.02 -14.80 -0.34
CA HIS B 87 -5.07 -15.89 -0.64
C HIS B 87 -5.57 -17.12 0.15
N PRO B 88 -5.63 -18.27 -0.47
CA PRO B 88 -6.15 -19.48 0.22
C PRO B 88 -5.37 -19.89 1.48
N ARG B 89 -4.14 -19.53 1.56
CA ARG B 89 -3.33 -19.90 2.74
C ARG B 89 -2.97 -18.74 3.62
N TYR B 90 -3.84 -17.77 3.66
CA TYR B 90 -3.62 -16.56 4.51
C TYR B 90 -3.78 -17.15 5.90
N ASN B 91 -2.84 -16.82 6.71
CA ASN B 91 -2.79 -17.28 8.10
C ASN B 91 -3.16 -16.24 9.14
N TRP B 92 -4.41 -16.15 9.47
CA TRP B 92 -4.81 -15.12 10.48
C TRP B 92 -4.73 -15.69 11.87
N ARG B 93 -4.69 -17.00 11.93
CA ARG B 93 -4.59 -17.68 13.24
C ARG B 93 -3.27 -17.43 13.92
N GLU B 94 -2.20 -17.58 13.23
CA GLU B 94 -0.90 -17.34 13.91
C GLU B 94 -0.16 -16.06 13.61
N ASN B 95 0.39 -15.88 12.43
CA ASN B 95 1.17 -14.61 12.13
C ASN B 95 0.82 -13.70 10.91
N LEU B 96 -0.35 -13.84 10.33
CA LEU B 96 -0.77 -13.01 9.14
C LEU B 96 0.21 -13.33 8.01
N ASP B 97 0.38 -14.60 7.79
CA ASP B 97 1.29 -15.07 6.73
C ASP B 97 0.41 -15.07 5.53
N ARG B 98 0.92 -14.44 4.49
CA ARG B 98 0.22 -14.31 3.16
C ARG B 98 -0.99 -13.46 3.36
N ASP B 99 -0.69 -12.31 3.88
CA ASP B 99 -1.72 -11.27 4.17
C ASP B 99 -1.86 -10.49 2.83
N ILE B 100 -2.60 -11.03 1.91
CA ILE B 100 -2.77 -10.36 0.59
C ILE B 100 -4.14 -10.67 0.02
N ALA B 101 -4.76 -9.71 -0.62
CA ALA B 101 -6.11 -9.98 -1.21
C ALA B 101 -6.24 -9.09 -2.43
N LEU B 102 -7.08 -9.55 -3.33
CA LEU B 102 -7.39 -8.87 -4.61
C LEU B 102 -8.89 -8.63 -4.71
N MET B 103 -9.21 -7.47 -5.21
CA MET B 103 -10.63 -7.06 -5.38
C MET B 103 -10.77 -6.70 -6.85
N LYS B 104 -11.83 -7.14 -7.46
CA LYS B 104 -12.07 -6.86 -8.90
C LYS B 104 -13.12 -5.76 -8.83
N LEU B 105 -12.98 -4.68 -9.58
CA LEU B 105 -13.98 -3.57 -9.52
C LEU B 105 -15.07 -3.86 -10.52
N LYS B 106 -16.22 -3.40 -10.21
CA LYS B 106 -17.39 -3.62 -11.10
C LYS B 106 -17.02 -3.19 -12.52
N LYS B 107 -16.59 -1.97 -12.70
CA LYS B 107 -16.20 -1.45 -14.07
C LYS B 107 -14.75 -0.92 -14.04
N PRO B 108 -14.04 -0.88 -15.15
CA PRO B 108 -12.66 -0.38 -15.10
C PRO B 108 -12.71 1.09 -14.73
N VAL B 109 -11.63 1.60 -14.22
CA VAL B 109 -11.60 3.02 -13.83
C VAL B 109 -10.74 3.68 -14.91
N ALA B 110 -10.91 4.97 -15.09
CA ALA B 110 -10.12 5.69 -16.14
C ALA B 110 -8.99 6.37 -15.41
N PHE B 111 -7.83 6.44 -16.02
CA PHE B 111 -6.71 7.11 -15.33
C PHE B 111 -6.79 8.59 -15.59
N SER B 112 -6.10 9.33 -14.76
CA SER B 112 -6.09 10.78 -14.87
C SER B 112 -4.73 11.13 -14.30
N ASP B 113 -4.63 12.36 -13.91
CA ASP B 113 -3.36 12.83 -13.32
C ASP B 113 -3.38 12.39 -11.88
N TYR B 114 -4.55 12.02 -11.41
CA TYR B 114 -4.69 11.58 -9.98
C TYR B 114 -4.89 10.08 -9.78
N ILE B 115 -5.18 9.39 -10.82
CA ILE B 115 -5.40 7.94 -10.74
C ILE B 115 -4.46 7.29 -11.77
N HIS B 116 -3.62 6.39 -11.34
CA HIS B 116 -2.65 5.66 -12.23
C HIS B 116 -2.22 4.40 -11.47
N PRO B 117 -2.04 3.27 -12.10
CA PRO B 117 -1.63 2.06 -11.36
C PRO B 117 -0.15 2.02 -11.12
N VAL B 118 0.22 1.16 -10.21
CA VAL B 118 1.63 0.99 -9.84
C VAL B 118 2.11 -0.31 -10.48
N CYS B 119 3.41 -0.46 -10.61
CA CYS B 119 3.91 -1.71 -11.24
C CYS B 119 4.19 -2.78 -10.19
N LEU B 120 4.04 -4.00 -10.56
CA LEU B 120 4.29 -5.16 -9.63
C LEU B 120 5.64 -5.64 -10.06
N PRO B 121 6.49 -6.01 -9.14
CA PRO B 121 7.92 -6.13 -9.45
C PRO B 121 8.11 -7.54 -10.10
N ASP B 122 9.21 -7.69 -10.73
CA ASP B 122 9.58 -8.96 -11.41
C ASP B 122 10.80 -9.43 -10.66
N ARG B 123 11.08 -10.69 -10.73
CA ARG B 123 12.25 -11.28 -10.05
C ARG B 123 13.49 -10.42 -10.02
N GLU B 124 13.80 -9.77 -11.10
CA GLU B 124 15.02 -8.93 -11.11
C GLU B 124 14.87 -7.62 -10.38
N THR B 125 13.69 -7.08 -10.37
CA THR B 125 13.52 -5.77 -9.65
C THR B 125 13.53 -6.17 -8.17
N ALA B 126 12.69 -7.11 -7.83
CA ALA B 126 12.62 -7.57 -6.41
C ALA B 126 14.05 -7.84 -5.94
N ALA B 127 14.76 -8.65 -6.64
CA ALA B 127 16.15 -8.95 -6.17
C ALA B 127 17.11 -7.78 -6.09
N SER B 128 16.97 -6.79 -6.90
CA SER B 128 17.95 -5.68 -6.78
C SER B 128 17.52 -4.62 -5.80
N LEU B 129 16.26 -4.43 -5.64
CA LEU B 129 15.81 -3.38 -4.70
C LEU B 129 15.55 -3.84 -3.28
N LEU B 130 15.16 -5.07 -3.06
CA LEU B 130 14.90 -5.45 -1.64
C LEU B 130 16.18 -5.82 -0.93
N GLN B 131 16.92 -4.80 -0.59
CA GLN B 131 18.19 -4.99 0.11
C GLN B 131 18.06 -4.14 1.38
N ALA B 132 18.77 -4.53 2.39
CA ALA B 132 18.69 -3.76 3.65
C ALA B 132 19.44 -2.49 3.45
N GLY B 133 18.78 -1.45 3.90
CA GLY B 133 19.37 -0.10 3.80
C GLY B 133 18.68 0.73 2.74
N TYR B 134 18.02 0.04 1.84
CA TYR B 134 17.30 0.71 0.71
C TYR B 134 16.00 1.22 1.27
N LYS B 135 15.62 2.36 0.81
CA LYS B 135 14.36 2.88 1.34
C LYS B 135 13.23 2.69 0.40
N GLY B 136 12.08 2.62 0.98
CA GLY B 136 10.79 2.46 0.30
C GLY B 136 9.92 3.58 0.87
N ARG B 137 8.71 3.69 0.41
CA ARG B 137 7.78 4.75 0.86
C ARG B 137 6.47 4.13 1.16
N VAL B 138 5.81 4.63 2.18
CA VAL B 138 4.47 4.08 2.53
C VAL B 138 3.55 5.32 2.57
N THR B 139 2.29 5.12 2.32
CA THR B 139 1.36 6.24 2.35
C THR B 139 0.05 5.72 2.95
N GLY B 140 -0.75 6.65 3.40
CA GLY B 140 -2.07 6.33 3.99
C GLY B 140 -2.63 7.49 4.82
N TRP B 141 -3.86 7.30 5.18
CA TRP B 141 -4.74 8.20 5.97
C TRP B 141 -4.98 7.57 7.37
N GLY B 142 -3.98 6.90 7.84
CA GLY B 142 -4.08 6.24 9.17
C GLY B 142 -3.59 7.17 10.25
N ASN B 143 -3.74 6.69 11.45
CA ASN B 143 -3.33 7.44 12.67
C ASN B 143 -1.97 8.02 12.57
N LEU B 144 -1.86 9.11 13.27
CA LEU B 144 -0.59 9.88 13.33
C LEU B 144 0.20 9.52 14.54
N LYS B 145 -0.45 8.93 15.47
CA LYS B 145 0.23 8.53 16.73
C LYS B 145 -0.44 7.26 17.15
N GLU B 146 0.23 6.52 17.99
CA GLU B 146 -0.39 5.24 18.43
C GLU B 146 -1.66 5.59 19.21
N THR B 147 -1.57 6.61 20.01
CA THR B 147 -2.71 7.09 20.84
C THR B 147 -2.49 8.62 20.91
N GLY B 155 -5.80 12.95 16.20
CA GLY B 155 -4.55 12.31 15.70
C GLY B 155 -4.81 11.54 14.39
N GLN B 156 -5.51 12.16 13.48
CA GLN B 156 -5.84 11.55 12.15
C GLN B 156 -5.49 12.73 11.24
N PRO B 157 -5.07 12.52 10.02
CA PRO B 157 -4.54 13.63 9.18
C PRO B 157 -5.66 14.08 8.28
N SER B 158 -5.47 15.19 7.65
CA SER B 158 -6.58 15.65 6.74
C SER B 158 -6.25 15.18 5.31
N VAL B 159 -4.97 15.17 5.09
CA VAL B 159 -4.37 14.78 3.81
C VAL B 159 -3.57 13.47 3.94
N LEU B 160 -3.35 12.86 2.80
CA LEU B 160 -2.58 11.59 2.70
C LEU B 160 -1.19 11.91 3.19
N GLN B 161 -0.62 10.99 3.93
CA GLN B 161 0.75 11.16 4.52
C GLN B 161 1.67 10.19 3.83
N VAL B 162 2.92 10.52 3.94
CA VAL B 162 3.99 9.73 3.33
C VAL B 162 5.20 9.64 4.26
N VAL B 163 5.89 8.52 4.24
CA VAL B 163 7.09 8.35 5.07
C VAL B 163 7.93 7.36 4.23
N ASN B 164 9.21 7.53 4.32
CA ASN B 164 10.19 6.70 3.58
C ASN B 164 10.96 6.00 4.64
N LEU B 165 10.98 4.71 4.60
CA LEU B 165 11.70 3.91 5.63
C LEU B 165 12.71 2.98 5.02
N PRO B 166 13.85 2.82 5.63
CA PRO B 166 14.81 1.74 5.25
C PRO B 166 14.32 0.32 5.50
N ILE B 167 14.75 -0.57 4.66
CA ILE B 167 14.37 -2.01 4.78
C ILE B 167 15.38 -2.54 5.75
N VAL B 168 14.91 -3.40 6.61
CA VAL B 168 15.79 -3.98 7.66
C VAL B 168 16.13 -5.46 7.43
N GLU B 169 17.36 -5.74 7.80
CA GLU B 169 17.98 -7.08 7.72
C GLU B 169 17.06 -8.06 8.45
N ARG B 170 16.76 -9.15 7.83
CA ARG B 170 15.86 -10.14 8.46
C ARG B 170 16.22 -10.57 9.90
N PRO B 171 17.43 -10.94 10.22
CA PRO B 171 17.77 -11.27 11.63
C PRO B 171 17.27 -10.21 12.64
N VAL B 172 17.43 -8.99 12.28
CA VAL B 172 17.00 -7.88 13.16
C VAL B 172 15.47 -7.87 13.20
N CYS B 173 14.85 -8.14 12.09
CA CYS B 173 13.38 -8.14 12.14
C CYS B 173 12.89 -9.20 13.09
N LYS B 174 13.57 -10.29 13.00
CA LYS B 174 13.24 -11.48 13.85
C LYS B 174 13.49 -11.22 15.31
N ASP B 175 14.64 -10.71 15.59
CA ASP B 175 15.00 -10.42 17.01
C ASP B 175 14.28 -9.29 17.70
N SER B 176 13.25 -8.82 17.06
CA SER B 176 12.42 -7.70 17.59
C SER B 176 11.06 -8.22 17.94
N THR B 177 10.72 -9.44 17.61
CA THR B 177 9.35 -9.89 17.99
C THR B 177 9.35 -11.35 18.42
N ARG B 178 8.23 -11.78 18.93
CA ARG B 178 8.04 -13.16 19.40
C ARG B 178 7.20 -13.79 18.32
N ILE B 179 6.88 -13.08 17.29
CA ILE B 179 6.04 -13.71 16.24
C ILE B 179 7.01 -14.38 15.28
N ARG B 180 6.59 -15.47 14.71
CA ARG B 180 7.47 -16.20 13.77
C ARG B 180 7.36 -15.51 12.41
N ILE B 181 8.49 -15.10 11.90
CA ILE B 181 8.58 -14.40 10.59
C ILE B 181 8.73 -15.47 9.46
N THR B 182 8.04 -15.32 8.35
CA THR B 182 8.15 -16.31 7.26
C THR B 182 8.88 -15.58 6.15
N ASP B 183 9.08 -16.25 5.04
CA ASP B 183 9.79 -15.56 3.93
C ASP B 183 8.81 -14.70 3.17
N ASN B 184 7.55 -14.69 3.56
CA ASN B 184 6.57 -13.82 2.82
C ASN B 184 6.38 -12.50 3.48
N MET B 185 7.35 -12.06 4.23
CA MET B 185 7.26 -10.76 4.93
C MET B 185 8.65 -10.20 4.99
N PHE B 186 8.74 -8.92 5.16
CA PHE B 186 10.07 -8.25 5.30
C PHE B 186 9.65 -7.13 6.30
N CYS B 187 10.58 -6.50 6.95
CA CYS B 187 10.19 -5.42 7.91
C CYS B 187 10.97 -4.17 7.53
N ALA B 188 10.43 -3.05 7.90
CA ALA B 188 11.16 -1.78 7.56
C ALA B 188 11.03 -0.80 8.68
N GLY B 189 12.00 0.04 8.79
CA GLY B 189 11.99 1.06 9.84
C GLY B 189 13.40 1.40 10.18
N TYR B 190 13.52 2.42 10.97
CA TYR B 190 14.84 2.92 11.42
C TYR B 190 15.16 2.29 12.77
N LYS B 191 16.43 2.07 12.98
CA LYS B 191 16.92 1.46 14.25
C LYS B 191 16.80 2.61 15.29
N PRO B 192 16.67 2.31 16.57
CA PRO B 192 16.60 3.35 17.64
C PRO B 192 17.83 4.24 17.49
N ASP B 193 18.86 3.57 17.08
CA ASP B 193 20.18 4.19 16.86
C ASP B 193 20.26 5.11 15.62
N GLU B 194 19.43 4.94 14.63
CA GLU B 194 19.59 5.85 13.44
C GLU B 194 19.01 7.27 13.52
N GLY B 195 18.59 7.69 14.66
CA GLY B 195 18.04 9.08 14.72
C GLY B 195 16.96 9.48 13.72
N LYS B 196 16.09 8.60 13.33
CA LYS B 196 15.00 8.97 12.37
C LYS B 196 13.86 8.10 12.82
N ARG B 197 12.66 8.45 12.50
CA ARG B 197 11.49 7.65 12.93
C ARG B 197 10.57 7.51 11.72
N GLY B 198 9.43 6.96 12.00
CA GLY B 198 8.39 6.74 10.99
C GLY B 198 7.80 5.38 11.01
N ASP B 199 6.57 5.29 10.63
CA ASP B 199 5.94 3.93 10.61
C ASP B 199 4.54 4.12 10.13
N ALA B 200 3.94 3.02 9.84
CA ALA B 200 2.56 3.01 9.38
C ALA B 200 1.87 2.86 10.74
N CYS B 201 0.58 2.95 10.75
CA CYS B 201 -0.12 2.82 12.03
C CYS B 201 -1.52 2.38 11.66
N GLU B 202 -2.36 2.28 12.64
CA GLU B 202 -3.74 1.84 12.32
C GLU B 202 -4.35 2.78 11.28
N GLY B 203 -5.00 2.16 10.31
CA GLY B 203 -5.67 2.89 9.18
C GLY B 203 -4.86 2.80 7.86
N ASP B 204 -3.58 2.56 7.99
CA ASP B 204 -2.65 2.45 6.83
C ASP B 204 -2.44 1.05 6.29
N SER B 205 -3.07 0.11 6.93
CA SER B 205 -2.93 -1.30 6.51
C SER B 205 -3.50 -1.44 5.11
N GLY B 206 -2.99 -2.40 4.39
CA GLY B 206 -3.49 -2.62 2.99
C GLY B 206 -2.80 -1.72 1.98
N GLY B 207 -2.17 -0.72 2.46
CA GLY B 207 -1.51 0.19 1.50
C GLY B 207 -0.11 -0.24 1.13
N PRO B 208 0.42 0.48 0.16
CA PRO B 208 1.66 0.07 -0.51
C PRO B 208 2.92 0.63 0.02
N PHE B 209 3.92 -0.19 -0.17
CA PHE B 209 5.30 0.13 0.25
C PHE B 209 5.82 0.10 -1.21
N VAL B 210 6.39 1.18 -1.71
CA VAL B 210 6.87 1.18 -3.09
C VAL B 210 8.27 1.67 -3.18
N MET B 211 8.92 1.34 -4.26
CA MET B 211 10.33 1.79 -4.47
C MET B 211 10.38 2.30 -5.92
N LYS B 212 11.33 3.14 -6.19
CA LYS B 212 11.45 3.72 -7.55
C LYS B 212 12.68 3.07 -8.14
N SER B 213 12.47 2.36 -9.20
CA SER B 213 13.60 1.67 -9.88
C SER B 213 14.52 2.73 -10.43
N PRO B 214 15.78 2.68 -10.06
CA PRO B 214 16.81 3.57 -10.62
C PRO B 214 17.19 3.13 -12.03
N PHE B 215 16.57 2.07 -12.51
CA PHE B 215 16.88 1.55 -13.88
C PHE B 215 15.91 2.10 -14.88
N ASN B 216 14.65 1.92 -14.62
CA ASN B 216 13.65 2.43 -15.58
C ASN B 216 12.72 3.50 -15.00
N ASN B 217 13.13 4.17 -13.95
CA ASN B 217 12.30 5.26 -13.27
C ASN B 217 10.85 4.93 -12.98
N ARG B 218 10.53 3.70 -12.80
CA ARG B 218 9.11 3.36 -12.51
C ARG B 218 9.03 3.02 -11.06
N TRP B 219 7.82 3.11 -10.56
CA TRP B 219 7.53 2.81 -9.14
C TRP B 219 6.94 1.43 -9.14
N TYR B 220 7.47 0.66 -8.24
CA TYR B 220 7.01 -0.75 -8.06
C TYR B 220 6.55 -0.82 -6.63
N GLN B 221 5.56 -1.61 -6.45
CA GLN B 221 4.96 -1.83 -5.09
C GLN B 221 5.69 -3.09 -4.57
N MET B 222 6.55 -2.96 -3.60
CA MET B 222 7.27 -4.15 -3.07
C MET B 222 6.53 -4.81 -1.89
N GLY B 223 5.86 -4.02 -1.10
CA GLY B 223 5.14 -4.59 0.04
C GLY B 223 3.80 -3.95 0.24
N ILE B 224 3.03 -4.56 1.10
CA ILE B 224 1.66 -4.15 1.52
C ILE B 224 1.86 -3.95 3.03
N VAL B 225 1.17 -3.02 3.63
CA VAL B 225 1.29 -2.76 5.10
C VAL B 225 0.53 -3.95 5.70
N SER B 226 1.23 -4.69 6.53
CA SER B 226 0.64 -5.90 7.18
C SER B 226 0.41 -5.78 8.68
N TRP B 227 1.46 -5.69 9.46
CA TRP B 227 1.27 -5.58 10.92
C TRP B 227 2.46 -4.91 11.60
N GLY B 228 2.26 -4.66 12.86
CA GLY B 228 3.33 -4.03 13.65
C GLY B 228 2.87 -4.19 15.10
N GLU B 229 3.73 -3.82 16.00
CA GLU B 229 3.43 -3.93 17.46
C GLU B 229 3.42 -2.47 17.85
N GLY B 230 2.26 -1.89 17.73
CA GLY B 230 2.14 -0.45 18.08
C GLY B 230 2.53 0.34 16.82
N CYS B 231 2.77 1.59 16.99
CA CYS B 231 3.16 2.48 15.86
C CYS B 231 4.37 3.37 16.23
N ASP B 232 5.48 3.05 15.65
CA ASP B 232 6.77 3.76 15.82
C ASP B 232 7.39 3.56 17.20
N ARG B 233 7.38 2.35 17.68
CA ARG B 233 7.99 2.10 19.02
C ARG B 233 9.47 1.92 18.72
N ASP B 234 10.37 2.25 19.60
CA ASP B 234 11.81 2.03 19.23
C ASP B 234 12.13 0.56 19.40
N GLY B 235 12.97 0.01 18.56
CA GLY B 235 13.31 -1.43 18.67
C GLY B 235 12.33 -2.34 17.92
N LYS B 236 11.27 -1.73 17.45
CA LYS B 236 10.23 -2.49 16.71
C LYS B 236 10.22 -2.03 15.25
N TYR B 237 9.48 -2.75 14.46
CA TYR B 237 9.37 -2.43 13.03
C TYR B 237 7.97 -2.73 12.54
N GLY B 238 7.80 -2.49 11.27
CA GLY B 238 6.50 -2.73 10.58
C GLY B 238 6.80 -3.88 9.65
N PHE B 239 5.85 -4.73 9.50
CA PHE B 239 6.04 -5.90 8.62
C PHE B 239 5.15 -5.67 7.45
N TYR B 240 5.65 -6.08 6.31
CA TYR B 240 4.92 -5.94 5.03
C TYR B 240 4.80 -7.23 4.25
N THR B 241 3.69 -7.43 3.59
CA THR B 241 3.60 -8.70 2.80
C THR B 241 4.63 -8.48 1.62
N HIS B 242 5.32 -9.55 1.26
CA HIS B 242 6.38 -9.61 0.15
C HIS B 242 5.62 -9.84 -1.17
N VAL B 243 5.21 -8.78 -1.83
CA VAL B 243 4.44 -8.93 -3.09
C VAL B 243 5.02 -9.86 -4.10
N PHE B 244 6.28 -9.71 -4.31
CA PHE B 244 6.93 -10.59 -5.30
C PHE B 244 6.77 -12.07 -4.92
N ARG B 245 7.07 -12.46 -3.69
CA ARG B 245 6.93 -13.87 -3.28
C ARG B 245 5.55 -14.39 -3.43
N LEU B 246 4.60 -13.51 -3.61
CA LEU B 246 3.18 -14.02 -3.79
C LEU B 246 2.63 -13.67 -5.20
N LYS B 247 3.46 -13.09 -6.02
CA LYS B 247 3.04 -12.70 -7.39
C LYS B 247 2.41 -13.79 -8.25
N LYS B 248 2.93 -14.99 -8.16
CA LYS B 248 2.33 -16.07 -9.00
C LYS B 248 0.85 -16.17 -8.64
N TRP B 249 0.56 -16.03 -7.37
CA TRP B 249 -0.84 -16.11 -6.89
C TRP B 249 -1.62 -14.99 -7.60
N ILE B 250 -1.06 -13.81 -7.55
CA ILE B 250 -1.72 -12.62 -8.20
C ILE B 250 -2.05 -12.97 -9.67
N GLN B 251 -0.99 -13.20 -10.41
CA GLN B 251 -1.09 -13.56 -11.87
C GLN B 251 -2.21 -14.55 -12.08
N LYS B 252 -2.16 -15.58 -11.30
CA LYS B 252 -3.17 -16.65 -11.38
C LYS B 252 -4.59 -16.15 -11.23
N VAL B 253 -4.88 -15.33 -10.29
CA VAL B 253 -6.33 -14.91 -10.21
C VAL B 253 -6.66 -13.94 -11.28
N ILE B 254 -5.70 -13.14 -11.61
CA ILE B 254 -6.00 -12.17 -12.67
C ILE B 254 -6.21 -12.92 -14.00
N ASP B 255 -5.34 -13.79 -14.42
CA ASP B 255 -5.58 -14.48 -15.71
C ASP B 255 -6.36 -15.76 -15.55
N GLN B 256 -7.31 -15.69 -14.68
CA GLN B 256 -8.23 -16.83 -14.37
C GLN B 256 -9.60 -16.17 -14.23
N PHE B 257 -9.58 -14.99 -13.62
CA PHE B 257 -10.84 -14.23 -13.42
C PHE B 257 -10.90 -12.93 -14.24
N GLY B 258 -9.94 -12.55 -15.04
CA GLY B 258 -10.08 -11.25 -15.80
C GLY B 258 -8.76 -10.52 -16.07
N GLU B 259 -8.74 -9.24 -15.83
CA GLU B 259 -7.52 -8.39 -16.04
C GLU B 259 -7.87 -6.95 -15.59
N ASP C 1 -17.30 12.48 10.34
CA ASP C 1 -16.00 13.16 10.06
C ASP C 1 -15.95 13.15 8.53
N PHE C 2 -16.22 12.01 7.95
CA PHE C 2 -16.19 11.96 6.46
C PHE C 2 -17.42 12.77 6.05
N GLU C 3 -17.33 13.26 4.85
CA GLU C 3 -18.40 14.08 4.22
C GLU C 3 -19.24 13.09 3.42
N GLU C 4 -20.49 13.46 3.32
CA GLU C 4 -21.50 12.65 2.58
C GLU C 4 -20.97 12.46 1.16
N ILE C 5 -21.27 11.36 0.55
CA ILE C 5 -20.80 11.11 -0.83
C ILE C 5 -22.10 10.86 -1.61
N PRO C 6 -22.07 11.02 -2.91
CA PRO C 6 -23.30 10.91 -3.74
C PRO C 6 -24.07 9.60 -3.55
N GLU C 7 -25.30 9.70 -3.12
CA GLU C 7 -26.16 8.50 -2.91
C GLU C 7 -25.97 7.39 -3.96
N GLU C 8 -25.86 7.77 -5.20
CA GLU C 8 -25.67 6.73 -6.26
C GLU C 8 -24.54 5.71 -6.00
N LEU C 10 -24.04 3.98 -3.31
CA LEU C 10 -24.44 3.03 -2.24
C LEU C 10 -25.42 2.10 -2.95
N GLN C 11 -26.55 2.67 -3.29
CA GLN C 11 -27.68 1.99 -3.99
C GLN C 11 -28.38 1.06 -3.01
#